data_8R7T
#
_entry.id   8R7T
#
_cell.length_a   38.312
_cell.length_b   118.520
_cell.length_c   46.535
_cell.angle_alpha   90.000
_cell.angle_beta   103.530
_cell.angle_gamma   90.000
#
_symmetry.space_group_name_H-M   'P 1 21 1'
#
loop_
_entity.id
_entity.type
_entity.pdbx_description
1 polymer 'Peptidyl-prolyl cis-trans isomerase'
2 polymer Alisporivir
3 water water
#
loop_
_entity_poly.entity_id
_entity_poly.type
_entity_poly.pdbx_seq_one_letter_code
_entity_poly.pdbx_strand_id
1 'polypeptide(L)'
;GHMAPAPPANSGESSLLSESELPAGISYAEAMEGGSRPLLHPDNPVVFFDISIGSHEAGRIKIELFKNLAPKSAENFRQF
CTGEFRQNQVPIGYKGATFHRIIKNFMIQGGDFVKGDGTGRLSIYGSSFPDEAFVLPHFRSGLLSLANSGPDTNGCQFFI
TCAKCDWLNRKHVVFGQVLGKESMQVVRKIEHVTVDGGNRPRIPVTVTQCGEL
;
B,A
2 'polypeptide(L)' (DAL)(MLE)(MLE)(MVA)(BMT)(ABA)(33X)(66E)V(MLE)A C,D
#
# COMPACT_ATOMS: atom_id res chain seq x y z
N SER A 15 18.20 3.23 -17.36
CA SER A 15 17.95 3.73 -16.01
C SER A 15 18.61 2.85 -14.95
N LEU A 16 19.49 1.95 -15.38
CA LEU A 16 20.01 0.94 -14.48
C LEU A 16 20.98 1.55 -13.48
N LEU A 17 20.74 1.30 -12.19
CA LEU A 17 21.58 1.82 -11.13
C LEU A 17 22.75 0.88 -10.86
N SER A 18 23.92 1.44 -10.64
CA SER A 18 25.02 0.61 -10.15
C SER A 18 24.82 0.32 -8.68
N GLU A 19 25.53 -0.70 -8.19
CA GLU A 19 25.42 -1.08 -6.79
C GLU A 19 25.75 0.07 -5.85
N SER A 20 26.69 0.95 -6.24
CA SER A 20 27.03 2.08 -5.39
C SER A 20 25.93 3.14 -5.34
N GLU A 21 24.97 3.08 -6.27
CA GLU A 21 23.89 4.05 -6.36
C GLU A 21 22.57 3.52 -5.80
N LEU A 22 22.58 2.37 -5.15
CA LEU A 22 21.31 1.75 -4.78
C LEU A 22 20.64 2.55 -3.66
N PRO A 23 19.32 2.61 -3.67
CA PRO A 23 18.61 3.32 -2.59
C PRO A 23 18.68 2.53 -1.29
N ALA A 24 18.43 3.25 -0.20
CA ALA A 24 18.38 2.61 1.12
C ALA A 24 17.23 1.62 1.19
N GLY A 25 17.46 0.52 1.91
CA GLY A 25 16.43 -0.42 2.24
C GLY A 25 16.43 -1.71 1.44
N ILE A 26 17.38 -1.90 0.52
CA ILE A 26 17.37 -3.08 -0.35
C ILE A 26 18.68 -3.85 -0.31
N SER A 27 19.58 -3.53 0.62
CA SER A 27 20.73 -4.43 0.76
C SER A 27 20.27 -5.74 1.38
N TYR A 28 21.10 -6.78 1.23
CA TYR A 28 20.75 -8.06 1.82
C TYR A 28 20.55 -7.93 3.32
N ALA A 29 21.47 -7.23 3.99
CA ALA A 29 21.36 -7.08 5.44
C ALA A 29 20.08 -6.35 5.81
N GLU A 30 19.74 -5.29 5.07
CA GLU A 30 18.53 -4.54 5.38
C GLU A 30 17.30 -5.40 5.20
N ALA A 31 17.25 -6.16 4.10
CA ALA A 31 16.07 -6.98 3.85
C ALA A 31 15.92 -8.07 4.90
N MET A 32 17.02 -8.62 5.40
CA MET A 32 16.94 -9.68 6.40
C MET A 32 16.45 -9.16 7.75
N GLU A 33 16.53 -7.85 7.99
CA GLU A 33 15.93 -7.24 9.16
C GLU A 33 14.46 -6.86 8.95
N GLY A 34 13.95 -7.03 7.74
CA GLY A 34 12.57 -6.66 7.47
C GLY A 34 11.59 -7.60 8.12
N GLY A 35 10.43 -7.05 8.47
CA GLY A 35 9.31 -7.81 9.02
C GLY A 35 8.19 -7.92 8.01
N SER A 36 7.07 -7.24 8.26
CA SER A 36 5.91 -7.28 7.38
CA SER A 36 5.92 -7.28 7.37
C SER A 36 5.62 -5.93 6.73
N ARG A 37 6.50 -4.96 6.89
CA ARG A 37 6.31 -3.62 6.35
C ARG A 37 7.43 -3.31 5.37
N PRO A 38 7.17 -2.47 4.36
CA PRO A 38 8.17 -2.26 3.31
C PRO A 38 9.35 -1.44 3.79
N LEU A 39 10.49 -1.65 3.13
CA LEU A 39 11.74 -0.99 3.47
C LEU A 39 12.17 0.04 2.43
N LEU A 40 11.81 -0.13 1.16
CA LEU A 40 12.30 0.78 0.13
C LEU A 40 11.47 2.05 0.04
N HIS A 41 10.15 1.92 0.17
CA HIS A 41 9.24 3.05 0.09
C HIS A 41 8.04 2.72 0.95
N PRO A 42 7.51 3.68 1.72
CA PRO A 42 6.47 3.33 2.70
C PRO A 42 5.18 2.84 2.09
N ASP A 43 4.90 3.13 0.82
CA ASP A 43 3.66 2.69 0.19
C ASP A 43 3.82 1.39 -0.58
N ASN A 44 4.96 0.72 -0.50
CA ASN A 44 5.10 -0.55 -1.19
C ASN A 44 4.27 -1.62 -0.49
N PRO A 45 3.47 -2.39 -1.22
CA PRO A 45 2.75 -3.49 -0.58
C PRO A 45 3.69 -4.63 -0.19
N VAL A 46 3.32 -5.32 0.88
CA VAL A 46 4.01 -6.54 1.29
C VAL A 46 3.02 -7.70 1.20
N VAL A 47 3.43 -8.75 0.50
CA VAL A 47 2.59 -9.92 0.30
C VAL A 47 3.33 -11.13 0.85
N PHE A 48 2.64 -12.27 0.86
CA PHE A 48 3.25 -13.49 1.38
C PHE A 48 2.80 -14.70 0.58
N PHE A 49 3.68 -15.71 0.59
CA PHE A 49 3.38 -17.06 0.15
C PHE A 49 3.64 -17.99 1.32
N ASP A 50 2.70 -18.89 1.61
CA ASP A 50 3.02 -20.08 2.40
C ASP A 50 3.32 -21.22 1.44
N ILE A 51 4.43 -21.91 1.67
CA ILE A 51 4.97 -22.88 0.74
C ILE A 51 4.86 -24.27 1.32
N SER A 52 4.45 -25.22 0.48
CA SER A 52 4.53 -26.64 0.80
CA SER A 52 4.54 -26.64 0.80
CA SER A 52 4.54 -26.64 0.80
C SER A 52 5.53 -27.29 -0.14
N ILE A 53 6.41 -28.11 0.40
CA ILE A 53 7.33 -28.91 -0.38
C ILE A 53 6.81 -30.32 -0.23
N GLY A 54 6.31 -30.90 -1.32
CA GLY A 54 5.49 -32.10 -1.20
C GLY A 54 4.27 -31.79 -0.35
N SER A 55 4.05 -32.59 0.70
CA SER A 55 2.96 -32.35 1.62
CA SER A 55 2.96 -32.35 1.64
C SER A 55 3.43 -31.77 2.95
N HIS A 56 4.61 -31.18 2.99
CA HIS A 56 5.19 -30.62 4.21
CA HIS A 56 5.14 -30.62 4.22
C HIS A 56 5.19 -29.10 4.11
N GLU A 57 4.55 -28.45 5.07
CA GLU A 57 4.60 -26.99 5.16
C GLU A 57 6.02 -26.56 5.44
N ALA A 58 6.57 -25.74 4.55
CA ALA A 58 7.97 -25.35 4.64
C ALA A 58 8.18 -23.98 5.28
N GLY A 59 7.14 -23.17 5.39
CA GLY A 59 7.25 -21.84 5.95
C GLY A 59 6.72 -20.79 5.00
N ARG A 60 6.97 -19.55 5.36
CA ARG A 60 6.40 -18.39 4.70
C ARG A 60 7.49 -17.55 4.06
N ILE A 61 7.23 -17.09 2.85
CA ILE A 61 8.04 -16.08 2.18
C ILE A 61 7.25 -14.78 2.17
N LYS A 62 7.80 -13.74 2.78
CA LYS A 62 7.23 -12.40 2.74
C LYS A 62 7.97 -11.60 1.67
N ILE A 63 7.23 -10.80 0.90
CA ILE A 63 7.77 -10.13 -0.28
C ILE A 63 7.32 -8.67 -0.29
N GLU A 64 8.27 -7.76 -0.29
CA GLU A 64 7.98 -6.36 -0.60
C GLU A 64 7.96 -6.18 -2.10
N LEU A 65 6.91 -5.57 -2.62
CA LEU A 65 6.77 -5.28 -4.04
C LEU A 65 7.10 -3.81 -4.26
N PHE A 66 8.04 -3.53 -5.16
CA PHE A 66 8.57 -2.19 -5.37
C PHE A 66 7.65 -1.36 -6.28
N LYS A 67 6.46 -1.07 -5.75
N LYS A 67 6.46 -1.07 -5.75
CA LYS A 67 5.51 -0.20 -6.44
CA LYS A 67 5.51 -0.20 -6.44
C LYS A 67 6.12 1.15 -6.79
C LYS A 67 6.13 1.15 -6.80
N ASN A 68 7.02 1.67 -5.95
CA ASN A 68 7.64 2.97 -6.21
C ASN A 68 8.49 2.97 -7.48
N LEU A 69 9.04 1.82 -7.88
CA LEU A 69 9.92 1.71 -9.04
C LEU A 69 9.30 0.96 -10.21
N ALA A 70 8.35 0.06 -9.94
CA ALA A 70 7.78 -0.81 -10.96
C ALA A 70 6.31 -1.01 -10.62
N PRO A 71 5.51 0.05 -10.73
CA PRO A 71 4.12 -0.05 -10.24
C PRO A 71 3.28 -1.08 -10.98
N LYS A 72 3.41 -1.19 -12.30
CA LYS A 72 2.59 -2.14 -13.02
CA LYS A 72 2.60 -2.15 -13.03
C LYS A 72 2.97 -3.57 -12.67
N SER A 73 4.27 -3.84 -12.53
CA SER A 73 4.75 -5.18 -12.17
C SER A 73 4.32 -5.53 -10.75
N ALA A 74 4.43 -4.57 -9.83
CA ALA A 74 4.03 -4.82 -8.45
C ALA A 74 2.54 -5.10 -8.35
N GLU A 75 1.71 -4.31 -9.06
CA GLU A 75 0.27 -4.47 -8.91
C GLU A 75 -0.21 -5.80 -9.50
N ASN A 76 0.40 -6.21 -10.62
CA ASN A 76 0.10 -7.52 -11.21
C ASN A 76 0.34 -8.63 -10.20
N PHE A 77 1.53 -8.65 -9.59
CA PHE A 77 1.88 -9.67 -8.61
C PHE A 77 0.95 -9.59 -7.40
N ARG A 78 0.68 -8.38 -6.93
CA ARG A 78 -0.14 -8.19 -5.75
C ARG A 78 -1.54 -8.77 -5.96
N GLN A 79 -2.19 -8.44 -7.09
CA GLN A 79 -3.52 -8.98 -7.34
C GLN A 79 -3.52 -10.49 -7.42
N PHE A 80 -2.47 -11.08 -8.01
CA PHE A 80 -2.39 -12.53 -8.05
C PHE A 80 -2.22 -13.15 -6.67
N CYS A 81 -1.74 -12.37 -5.67
CA CYS A 81 -1.66 -12.89 -4.32
C CYS A 81 -2.97 -12.78 -3.57
N THR A 82 -3.80 -11.79 -3.88
CA THR A 82 -4.95 -11.49 -3.03
C THR A 82 -6.24 -12.07 -3.56
N GLY A 83 -6.27 -12.55 -4.81
CA GLY A 83 -7.52 -13.01 -5.39
C GLY A 83 -8.36 -11.94 -6.03
N GLU A 84 -7.81 -10.74 -6.25
CA GLU A 84 -8.57 -9.62 -6.78
C GLU A 84 -8.73 -9.66 -8.29
N PHE A 85 -7.96 -10.47 -8.99
CA PHE A 85 -8.08 -10.53 -10.43
C PHE A 85 -9.00 -11.67 -10.81
N ARG A 86 -10.01 -11.37 -11.61
CA ARG A 86 -11.03 -12.33 -11.97
C ARG A 86 -11.16 -12.39 -13.48
N GLN A 87 -11.51 -13.57 -13.97
CA GLN A 87 -11.93 -13.75 -15.37
C GLN A 87 -13.37 -14.22 -15.31
N ASN A 88 -14.29 -13.40 -15.81
CA ASN A 88 -15.72 -13.71 -15.76
C ASN A 88 -16.16 -14.12 -14.35
N GLN A 89 -15.75 -13.34 -13.36
CA GLN A 89 -16.10 -13.50 -11.95
C GLN A 89 -15.34 -14.61 -11.24
N VAL A 90 -14.42 -15.31 -11.89
CA VAL A 90 -13.68 -16.41 -11.27
C VAL A 90 -12.28 -15.91 -10.93
N PRO A 91 -11.90 -15.85 -9.65
CA PRO A 91 -10.52 -15.41 -9.32
C PRO A 91 -9.49 -16.37 -9.85
N ILE A 92 -8.34 -15.83 -10.23
CA ILE A 92 -7.20 -16.64 -10.61
C ILE A 92 -5.94 -15.95 -10.09
N GLY A 93 -4.97 -16.74 -9.67
CA GLY A 93 -3.75 -16.18 -9.11
C GLY A 93 -2.83 -17.25 -8.59
N TYR A 94 -2.01 -16.88 -7.62
CA TYR A 94 -0.91 -17.74 -7.18
C TYR A 94 -1.32 -18.82 -6.18
N LYS A 95 -2.52 -18.78 -5.63
CA LYS A 95 -2.91 -19.83 -4.70
C LYS A 95 -2.99 -21.15 -5.46
N GLY A 96 -2.19 -22.12 -5.04
CA GLY A 96 -2.09 -23.39 -5.72
C GLY A 96 -1.08 -23.43 -6.84
N ALA A 97 -0.42 -22.32 -7.14
CA ALA A 97 0.61 -22.30 -8.17
C ALA A 97 1.89 -22.94 -7.67
N THR A 98 2.67 -23.46 -8.61
CA THR A 98 3.87 -24.22 -8.29
C THR A 98 5.13 -23.49 -8.75
N PHE A 99 6.25 -23.99 -8.28
CA PHE A 99 7.57 -23.64 -8.81
C PHE A 99 7.98 -24.78 -9.72
N HIS A 100 8.04 -24.50 -11.02
CA HIS A 100 8.26 -25.54 -12.00
C HIS A 100 9.70 -25.65 -12.49
N ARG A 101 10.57 -24.72 -12.12
CA ARG A 101 11.93 -24.72 -12.63
C ARG A 101 12.84 -24.17 -11.54
N ILE A 102 13.76 -25.02 -11.07
CA ILE A 102 14.58 -24.72 -9.92
C ILE A 102 16.01 -25.05 -10.30
N ILE A 103 16.89 -24.04 -10.24
CA ILE A 103 18.28 -24.18 -10.64
C ILE A 103 19.16 -23.71 -9.48
N LYS A 104 19.73 -24.66 -8.75
CA LYS A 104 20.57 -24.37 -7.61
C LYS A 104 21.69 -23.40 -8.00
N ASN A 105 21.93 -22.44 -7.12
CA ASN A 105 22.93 -21.38 -7.30
C ASN A 105 22.58 -20.39 -8.40
N PHE A 106 21.33 -20.39 -8.87
CA PHE A 106 20.86 -19.45 -9.89
C PHE A 106 19.56 -18.81 -9.42
N MET A 107 18.42 -19.52 -9.52
CA MET A 107 17.14 -18.91 -9.17
C MET A 107 16.11 -20.02 -9.05
N ILE A 108 14.96 -19.66 -8.46
CA ILE A 108 13.76 -20.50 -8.47
C ILE A 108 12.67 -19.76 -9.22
N GLN A 109 11.98 -20.47 -10.12
CA GLN A 109 11.02 -19.89 -11.04
C GLN A 109 9.65 -20.51 -10.82
N GLY A 110 8.63 -19.66 -10.77
CA GLY A 110 7.28 -20.16 -10.59
C GLY A 110 6.24 -19.15 -11.03
N GLY A 111 5.01 -19.36 -10.56
CA GLY A 111 3.92 -18.46 -10.87
C GLY A 111 3.13 -18.78 -12.13
N ASP A 112 3.41 -19.90 -12.79
CA ASP A 112 2.58 -20.29 -13.94
C ASP A 112 1.33 -20.98 -13.42
N PHE A 113 0.36 -20.16 -13.03
CA PHE A 113 -0.93 -20.70 -12.61
C PHE A 113 -1.77 -21.18 -13.79
N VAL A 114 -1.37 -20.84 -15.03
CA VAL A 114 -2.15 -21.25 -16.18
C VAL A 114 -1.98 -22.73 -16.44
N LYS A 115 -0.73 -23.19 -16.52
CA LYS A 115 -0.44 -24.55 -16.94
C LYS A 115 0.60 -25.22 -16.06
N GLY A 116 1.32 -24.47 -15.23
CA GLY A 116 2.30 -25.09 -14.35
C GLY A 116 3.52 -25.63 -15.04
N ASP A 117 3.81 -25.17 -16.25
CA ASP A 117 4.93 -25.75 -16.99
C ASP A 117 5.82 -24.71 -17.66
N GLY A 118 5.57 -23.42 -17.45
CA GLY A 118 6.34 -22.40 -18.13
C GLY A 118 5.65 -21.80 -19.34
N THR A 119 4.52 -22.36 -19.78
CA THR A 119 3.82 -21.78 -20.92
C THR A 119 2.88 -20.64 -20.53
N GLY A 120 2.52 -20.51 -19.26
CA GLY A 120 1.57 -19.50 -18.86
C GLY A 120 2.02 -18.07 -19.10
N ARG A 121 1.16 -17.30 -19.78
CA ARG A 121 1.47 -15.92 -20.20
C ARG A 121 0.21 -15.08 -20.04
N LEU A 122 -0.38 -15.08 -18.86
CA LEU A 122 -1.51 -14.21 -18.54
C LEU A 122 -1.04 -13.20 -17.51
N SER A 123 -1.51 -11.96 -17.64
CA SER A 123 -1.28 -10.93 -16.64
C SER A 123 -2.62 -10.24 -16.38
N ILE A 124 -2.64 -9.35 -15.39
CA ILE A 124 -3.85 -8.58 -15.12
C ILE A 124 -4.15 -7.59 -16.23
N TYR A 125 -3.20 -7.38 -17.15
CA TYR A 125 -3.32 -6.45 -18.27
C TYR A 125 -3.69 -7.15 -19.57
N GLY A 126 -3.76 -8.47 -19.58
CA GLY A 126 -3.89 -9.22 -20.81
C GLY A 126 -2.79 -10.26 -20.87
N SER A 127 -2.47 -10.71 -22.08
CA SER A 127 -1.49 -11.78 -22.23
C SER A 127 -0.12 -11.35 -21.74
N SER A 128 0.38 -10.24 -22.25
CA SER A 128 1.72 -9.78 -21.87
C SER A 128 1.70 -8.27 -21.63
N PHE A 129 2.66 -7.81 -20.82
CA PHE A 129 2.75 -6.40 -20.54
C PHE A 129 4.18 -5.90 -20.66
N PRO A 130 4.37 -4.62 -20.96
CA PRO A 130 5.70 -4.12 -21.29
C PRO A 130 6.64 -4.14 -20.09
N ASP A 131 7.93 -4.21 -20.41
CA ASP A 131 8.96 -3.92 -19.42
C ASP A 131 8.84 -2.48 -18.94
N GLU A 132 8.71 -2.32 -17.63
CA GLU A 132 8.91 -1.03 -17.01
C GLU A 132 10.41 -0.70 -17.04
N ALA A 133 10.76 0.47 -16.50
CA ALA A 133 12.15 0.88 -16.50
C ALA A 133 13.01 -0.14 -15.77
N PHE A 134 14.18 -0.44 -16.34
CA PHE A 134 15.11 -1.37 -15.70
C PHE A 134 15.97 -0.58 -14.71
N VAL A 135 15.39 -0.31 -13.55
CA VAL A 135 16.08 0.51 -12.56
C VAL A 135 17.05 -0.33 -11.74
N LEU A 136 16.57 -1.45 -11.20
CA LEU A 136 17.42 -2.21 -10.29
C LEU A 136 18.11 -3.36 -11.00
N PRO A 137 19.37 -3.61 -10.62
CA PRO A 137 20.09 -4.78 -11.12
C PRO A 137 19.79 -6.02 -10.27
N HIS A 138 20.11 -7.18 -10.85
CA HIS A 138 19.97 -8.48 -10.17
C HIS A 138 21.20 -8.72 -9.29
N PHE A 139 21.41 -7.83 -8.33
CA PHE A 139 22.73 -7.71 -7.71
C PHE A 139 22.97 -8.70 -6.57
N ARG A 140 21.96 -9.47 -6.18
CA ARG A 140 22.11 -10.35 -5.02
C ARG A 140 20.98 -11.36 -5.02
N SER A 141 21.14 -12.38 -4.17
CA SER A 141 20.07 -13.32 -3.87
CA SER A 141 20.05 -13.31 -3.92
C SER A 141 18.92 -12.61 -3.16
N GLY A 142 17.72 -13.16 -3.29
CA GLY A 142 16.56 -12.67 -2.57
C GLY A 142 15.74 -11.62 -3.27
N LEU A 143 15.97 -11.39 -4.55
CA LEU A 143 15.25 -10.41 -5.34
C LEU A 143 14.18 -11.11 -6.18
N LEU A 144 13.08 -10.40 -6.39
CA LEU A 144 11.99 -10.85 -7.24
CA LEU A 144 11.99 -10.84 -7.23
C LEU A 144 12.13 -10.17 -8.59
N SER A 145 12.05 -10.97 -9.66
CA SER A 145 12.19 -10.46 -11.01
C SER A 145 11.22 -11.18 -11.95
N LEU A 146 10.88 -10.52 -13.05
CA LEU A 146 9.88 -11.06 -13.98
C LEU A 146 10.52 -12.05 -14.94
N ALA A 147 9.92 -13.23 -15.09
CA ALA A 147 10.26 -14.15 -16.17
C ALA A 147 9.58 -13.65 -17.45
N ASN A 148 10.22 -13.89 -18.60
CA ASN A 148 9.63 -13.42 -19.86
C ASN A 148 10.22 -14.24 -21.01
N SER A 149 9.84 -13.88 -22.23
CA SER A 149 10.37 -14.53 -23.43
C SER A 149 10.86 -13.50 -24.42
N GLY A 150 11.59 -12.51 -23.92
CA GLY A 150 12.05 -11.41 -24.72
C GLY A 150 11.38 -10.11 -24.33
N PRO A 151 11.66 -9.04 -25.06
CA PRO A 151 11.16 -7.72 -24.64
C PRO A 151 9.64 -7.66 -24.58
N ASP A 152 9.14 -7.03 -23.52
CA ASP A 152 7.71 -6.70 -23.39
C ASP A 152 6.82 -7.94 -23.45
N THR A 153 7.22 -9.01 -22.73
CA THR A 153 6.45 -10.24 -22.70
C THR A 153 6.23 -10.72 -21.28
N ASN A 154 6.21 -9.80 -20.31
CA ASN A 154 5.85 -10.16 -18.93
C ASN A 154 4.43 -10.67 -18.83
N GLY A 155 4.20 -11.54 -17.86
CA GLY A 155 2.92 -12.19 -17.67
C GLY A 155 2.59 -12.44 -16.21
N CYS A 156 2.66 -13.70 -15.79
CA CYS A 156 2.44 -14.09 -14.41
C CYS A 156 3.66 -14.72 -13.76
N GLN A 157 4.59 -15.23 -14.55
CA GLN A 157 5.71 -15.94 -13.97
C GLN A 157 6.76 -14.97 -13.42
N PHE A 158 7.53 -15.49 -12.46
CA PHE A 158 8.53 -14.71 -11.77
C PHE A 158 9.65 -15.64 -11.36
N PHE A 159 10.76 -15.05 -10.92
CA PHE A 159 11.79 -15.83 -10.27
C PHE A 159 12.28 -15.08 -9.05
N ILE A 160 12.82 -15.84 -8.10
CA ILE A 160 13.51 -15.30 -6.94
C ILE A 160 14.98 -15.64 -7.09
N THR A 161 15.84 -14.64 -7.08
CA THR A 161 17.25 -14.90 -7.31
C THR A 161 17.84 -15.68 -6.16
N CYS A 162 18.71 -16.64 -6.51
CA CYS A 162 19.43 -17.41 -5.52
C CYS A 162 20.93 -17.12 -5.57
N ALA A 163 21.32 -16.12 -6.35
CA ALA A 163 22.67 -15.60 -6.47
C ALA A 163 22.54 -14.31 -7.28
N LYS A 164 23.61 -13.52 -7.32
CA LYS A 164 23.61 -12.40 -8.25
C LYS A 164 23.45 -12.95 -9.66
N CYS A 165 22.71 -12.24 -10.51
CA CYS A 165 22.54 -12.63 -11.91
CA CYS A 165 22.48 -12.62 -11.90
C CYS A 165 22.53 -11.40 -12.80
N ASP A 166 23.62 -10.63 -12.74
CA ASP A 166 23.63 -9.36 -13.45
C ASP A 166 23.54 -9.50 -14.96
N TRP A 167 23.83 -10.69 -15.51
CA TRP A 167 23.66 -10.87 -16.95
C TRP A 167 22.21 -10.77 -17.38
N LEU A 168 21.26 -10.80 -16.44
CA LEU A 168 19.85 -10.59 -16.72
C LEU A 168 19.44 -9.12 -16.67
N ASN A 169 20.34 -8.24 -16.26
CA ASN A 169 20.02 -6.81 -16.16
C ASN A 169 19.59 -6.26 -17.52
N ARG A 170 18.60 -5.36 -17.49
CA ARG A 170 18.04 -4.71 -18.67
C ARG A 170 17.27 -5.67 -19.55
N LYS A 171 17.07 -6.92 -19.12
CA LYS A 171 16.19 -7.85 -19.82
C LYS A 171 15.03 -8.32 -18.95
N HIS A 172 15.16 -8.23 -17.63
CA HIS A 172 14.13 -8.62 -16.68
C HIS A 172 14.02 -7.53 -15.63
N VAL A 173 12.78 -7.15 -15.31
CA VAL A 173 12.54 -6.09 -14.32
C VAL A 173 12.59 -6.69 -12.92
N VAL A 174 13.49 -6.17 -12.09
CA VAL A 174 13.56 -6.51 -10.68
C VAL A 174 12.51 -5.65 -9.97
N PHE A 175 11.52 -6.30 -9.36
CA PHE A 175 10.38 -5.57 -8.84
C PHE A 175 10.05 -5.88 -7.39
N GLY A 176 10.89 -6.59 -6.66
CA GLY A 176 10.60 -6.83 -5.26
C GLY A 176 11.75 -7.50 -4.56
N GLN A 177 11.57 -7.75 -3.26
CA GLN A 177 12.59 -8.42 -2.45
C GLN A 177 11.90 -9.21 -1.36
N VAL A 178 12.48 -10.37 -1.01
CA VAL A 178 11.96 -11.11 0.15
C VAL A 178 12.41 -10.42 1.43
N LEU A 179 11.59 -10.53 2.47
CA LEU A 179 11.84 -9.85 3.73
C LEU A 179 12.04 -10.85 4.87
N GLY A 180 13.12 -10.66 5.63
CA GLY A 180 13.37 -11.44 6.81
C GLY A 180 14.09 -12.76 6.54
N LYS A 181 14.70 -13.30 7.60
CA LYS A 181 15.54 -14.47 7.44
C LYS A 181 14.75 -15.73 7.12
N GLU A 182 13.54 -15.88 7.69
CA GLU A 182 12.73 -17.06 7.36
C GLU A 182 12.44 -17.13 5.86
N SER A 183 12.12 -15.98 5.25
CA SER A 183 11.85 -15.97 3.82
C SER A 183 12.99 -16.59 3.04
N MET A 184 14.23 -16.20 3.36
CA MET A 184 15.38 -16.73 2.65
C MET A 184 15.62 -18.20 3.00
N GLN A 185 15.33 -18.60 4.24
CA GLN A 185 15.43 -20.01 4.58
C GLN A 185 14.52 -20.84 3.68
N VAL A 186 13.30 -20.35 3.44
CA VAL A 186 12.37 -21.09 2.58
C VAL A 186 12.88 -21.11 1.15
N VAL A 187 13.38 -19.98 0.67
CA VAL A 187 13.94 -19.91 -0.68
C VAL A 187 15.06 -20.93 -0.83
N ARG A 188 15.97 -20.99 0.15
CA ARG A 188 17.07 -21.94 0.07
C ARG A 188 16.57 -23.38 0.10
N LYS A 189 15.52 -23.67 0.88
CA LYS A 189 14.97 -25.02 0.89
C LYS A 189 14.43 -25.40 -0.49
N ILE A 190 13.65 -24.50 -1.10
CA ILE A 190 13.13 -24.75 -2.44
C ILE A 190 14.28 -24.97 -3.42
N GLU A 191 15.30 -24.10 -3.35
CA GLU A 191 16.40 -24.12 -4.29
C GLU A 191 17.13 -25.45 -4.29
N HIS A 192 17.13 -26.15 -3.15
CA HIS A 192 17.92 -27.36 -3.02
C HIS A 192 17.14 -28.65 -3.16
N VAL A 193 15.87 -28.60 -3.56
CA VAL A 193 15.13 -29.85 -3.77
C VAL A 193 15.69 -30.58 -4.99
N THR A 194 15.49 -31.89 -5.00
CA THR A 194 15.95 -32.69 -6.14
C THR A 194 15.16 -32.35 -7.40
N VAL A 195 15.86 -32.23 -8.53
CA VAL A 195 15.23 -31.89 -9.81
C VAL A 195 15.58 -32.95 -10.84
N ASP A 196 14.78 -32.99 -11.90
CA ASP A 196 15.05 -33.88 -13.02
C ASP A 196 16.01 -33.19 -14.00
N GLY A 197 16.23 -33.83 -15.15
CA GLY A 197 17.14 -33.28 -16.14
C GLY A 197 16.70 -31.97 -16.74
N GLY A 198 15.40 -31.66 -16.66
CA GLY A 198 14.84 -30.40 -17.10
C GLY A 198 14.71 -29.37 -16.01
N ASN A 199 15.28 -29.63 -14.83
CA ASN A 199 15.26 -28.73 -13.69
C ASN A 199 13.87 -28.57 -13.11
N ARG A 200 12.99 -29.52 -13.39
CA ARG A 200 11.69 -29.59 -12.74
C ARG A 200 11.83 -30.35 -11.44
N PRO A 201 11.23 -29.88 -10.35
CA PRO A 201 11.37 -30.61 -9.08
C PRO A 201 10.71 -31.98 -9.18
N ARG A 202 11.32 -32.96 -8.52
CA ARG A 202 10.73 -34.29 -8.52
C ARG A 202 9.51 -34.35 -7.61
N ILE A 203 9.46 -33.49 -6.60
CA ILE A 203 8.33 -33.44 -5.67
C ILE A 203 7.80 -32.01 -5.76
N PRO A 204 6.49 -31.80 -5.81
CA PRO A 204 5.96 -30.45 -6.09
C PRO A 204 6.30 -29.43 -5.02
N VAL A 205 6.48 -28.20 -5.46
CA VAL A 205 6.68 -27.04 -4.58
C VAL A 205 5.55 -26.06 -4.87
N THR A 206 4.68 -25.84 -3.91
CA THR A 206 3.41 -25.16 -4.16
C THR A 206 3.19 -24.01 -3.19
N VAL A 207 2.63 -22.92 -3.71
CA VAL A 207 2.09 -21.83 -2.91
C VAL A 207 0.73 -22.31 -2.39
N THR A 208 0.64 -22.71 -1.13
CA THR A 208 -0.66 -23.19 -0.65
C THR A 208 -1.58 -22.07 -0.16
N GLN A 209 -1.02 -20.93 0.24
CA GLN A 209 -1.80 -19.79 0.69
C GLN A 209 -1.00 -18.56 0.29
N CYS A 210 -1.71 -17.47 0.01
CA CYS A 210 -1.02 -16.22 -0.29
C CYS A 210 -1.97 -15.06 -0.02
N GLY A 211 -1.40 -13.87 0.14
CA GLY A 211 -2.22 -12.73 0.50
C GLY A 211 -1.34 -11.51 0.73
N GLU A 212 -1.98 -10.46 1.23
CA GLU A 212 -1.32 -9.18 1.49
C GLU A 212 -1.27 -8.93 2.98
N LEU A 213 -0.15 -8.40 3.46
CA LEU A 213 0.05 -8.11 4.88
C LEU A 213 -0.22 -6.67 5.23
N SER B 15 -24.94 6.27 -5.74
CA SER B 15 -23.69 5.72 -5.25
C SER B 15 -23.62 5.74 -3.72
N LEU B 16 -24.41 6.61 -3.09
CA LEU B 16 -24.32 6.78 -1.65
C LEU B 16 -24.95 5.59 -0.95
N LEU B 17 -24.16 4.87 -0.16
CA LEU B 17 -24.63 3.68 0.53
C LEU B 17 -25.47 4.09 1.74
N SER B 18 -26.53 3.33 2.02
CA SER B 18 -27.20 3.58 3.29
C SER B 18 -26.46 2.87 4.41
N GLU B 19 -26.79 3.24 5.65
CA GLU B 19 -26.14 2.62 6.80
C GLU B 19 -26.29 1.11 6.80
N SER B 20 -27.47 0.62 6.43
CA SER B 20 -27.68 -0.82 6.38
C SER B 20 -26.86 -1.51 5.29
N GLU B 21 -26.29 -0.76 4.35
CA GLU B 21 -25.55 -1.31 3.22
C GLU B 21 -24.05 -1.15 3.35
N LEU B 22 -23.53 -0.75 4.51
CA LEU B 22 -22.12 -0.39 4.61
C LEU B 22 -21.25 -1.65 4.54
N PRO B 23 -20.06 -1.53 3.95
CA PRO B 23 -19.16 -2.69 3.86
C PRO B 23 -18.57 -3.04 5.22
N ALA B 24 -18.13 -4.30 5.32
CA ALA B 24 -17.45 -4.76 6.54
C ALA B 24 -16.20 -3.94 6.80
N GLY B 25 -15.94 -3.65 8.07
CA GLY B 25 -14.70 -3.03 8.50
C GLY B 25 -14.78 -1.56 8.83
N ILE B 26 -15.94 -0.93 8.70
CA ILE B 26 -16.04 0.51 8.91
C ILE B 26 -17.04 0.90 9.98
N SER B 27 -17.62 -0.05 10.72
CA SER B 27 -18.42 0.38 11.86
C SER B 27 -17.49 0.95 12.93
N TYR B 28 -18.07 1.75 13.84
CA TYR B 28 -17.29 2.33 14.93
C TYR B 28 -16.57 1.22 15.72
N ALA B 29 -17.31 0.17 16.07
CA ALA B 29 -16.72 -0.89 16.86
C ALA B 29 -15.58 -1.58 16.11
N GLU B 30 -15.77 -1.80 14.81
CA GLU B 30 -14.70 -2.41 14.01
C GLU B 30 -13.47 -1.52 13.97
N ALA B 31 -13.67 -0.22 13.70
CA ALA B 31 -12.53 0.69 13.60
C ALA B 31 -11.80 0.78 14.93
N MET B 32 -12.53 0.72 16.03
CA MET B 32 -11.90 0.86 17.34
C MET B 32 -11.09 -0.37 17.71
N GLU B 33 -11.33 -1.50 17.05
CA GLU B 33 -10.52 -2.70 17.21
C GLU B 33 -9.33 -2.71 16.26
N GLY B 34 -9.24 -1.72 15.36
CA GLY B 34 -8.16 -1.70 14.40
C GLY B 34 -6.83 -1.34 15.03
N GLY B 35 -5.77 -1.87 14.42
CA GLY B 35 -4.41 -1.57 14.80
C GLY B 35 -3.73 -0.65 13.81
N SER B 36 -2.77 -1.19 13.05
CA SER B 36 -2.03 -0.40 12.07
CA SER B 36 -2.01 -0.41 12.07
C SER B 36 -2.17 -0.93 10.65
N ARG B 37 -3.09 -1.86 10.43
CA ARG B 37 -3.35 -2.43 9.12
C ARG B 37 -4.80 -2.12 8.74
N PRO B 38 -5.08 -1.98 7.44
CA PRO B 38 -6.40 -1.55 7.02
C PRO B 38 -7.47 -2.60 7.28
N LEU B 39 -8.71 -2.13 7.46
CA LEU B 39 -9.86 -2.98 7.73
C LEU B 39 -10.82 -3.13 6.57
N LEU B 40 -10.91 -2.14 5.68
CA LEU B 40 -11.88 -2.19 4.61
C LEU B 40 -11.37 -2.94 3.38
N HIS B 41 -10.08 -2.79 3.06
CA HIS B 41 -9.49 -3.49 1.92
C HIS B 41 -8.01 -3.67 2.23
N PRO B 42 -7.44 -4.83 1.92
CA PRO B 42 -6.05 -5.10 2.34
C PRO B 42 -5.01 -4.18 1.75
N ASP B 43 -5.30 -3.50 0.64
CA ASP B 43 -4.32 -2.61 0.02
C ASP B 43 -4.51 -1.14 0.41
N ASN B 44 -5.41 -0.84 1.35
CA ASN B 44 -5.59 0.55 1.78
C ASN B 44 -4.39 0.99 2.62
N PRO B 45 -3.84 2.17 2.38
CA PRO B 45 -2.73 2.64 3.22
C PRO B 45 -3.24 3.05 4.58
N VAL B 46 -2.37 2.92 5.58
CA VAL B 46 -2.62 3.44 6.93
C VAL B 46 -1.55 4.48 7.21
N VAL B 47 -1.98 5.68 7.62
CA VAL B 47 -1.08 6.79 7.88
C VAL B 47 -1.26 7.21 9.33
N PHE B 48 -0.41 8.13 9.79
CA PHE B 48 -0.54 8.61 11.16
C PHE B 48 -0.18 10.08 11.25
N PHE B 49 -0.79 10.72 12.26
CA PHE B 49 -0.39 12.03 12.77
C PHE B 49 0.00 11.88 14.24
N ASP B 50 1.16 12.40 14.61
CA ASP B 50 1.42 12.70 16.02
C ASP B 50 0.96 14.12 16.30
N ILE B 51 0.16 14.30 17.36
CA ILE B 51 -0.51 15.56 17.65
C ILE B 51 0.07 16.15 18.93
N SER B 52 0.33 17.45 18.90
CA SER B 52 0.63 18.21 20.09
CA SER B 52 0.61 18.21 20.11
C SER B 52 -0.41 19.32 20.24
N ILE B 53 -0.89 19.52 21.46
CA ILE B 53 -1.78 20.62 21.79
C ILE B 53 -0.94 21.60 22.58
N GLY B 54 -0.64 22.75 21.97
CA GLY B 54 0.41 23.60 22.48
C GLY B 54 1.70 22.82 22.56
N SER B 55 2.29 22.80 23.75
CA SER B 55 3.51 22.08 24.02
C SER B 55 3.26 20.70 24.64
N HIS B 56 2.01 20.27 24.71
N HIS B 56 1.98 20.29 24.74
CA HIS B 56 1.65 19.00 25.32
CA HIS B 56 1.58 19.00 25.31
C HIS B 56 1.33 17.99 24.23
C HIS B 56 1.35 18.00 24.17
N GLU B 57 2.18 16.98 24.08
CA GLU B 57 1.88 15.91 23.13
C GLU B 57 0.60 15.19 23.54
N ALA B 58 -0.30 15.01 22.57
CA ALA B 58 -1.62 14.47 22.84
C ALA B 58 -1.75 13.01 22.49
N GLY B 59 -0.88 12.50 21.61
CA GLY B 59 -0.92 11.13 21.15
C GLY B 59 -1.00 11.05 19.64
N ARG B 60 -1.24 9.85 19.15
CA ARG B 60 -1.19 9.56 17.73
C ARG B 60 -2.58 9.24 17.20
N ILE B 61 -2.90 9.78 16.03
CA ILE B 61 -4.07 9.38 15.25
C ILE B 61 -3.58 8.52 14.11
N LYS B 62 -4.03 7.27 14.05
CA LYS B 62 -3.81 6.39 12.91
C LYS B 62 -5.05 6.43 12.04
N ILE B 63 -4.85 6.45 10.72
CA ILE B 63 -5.95 6.64 9.79
C ILE B 63 -5.82 5.66 8.63
N GLU B 64 -6.85 4.87 8.40
CA GLU B 64 -6.94 4.08 7.17
C GLU B 64 -7.50 4.96 6.08
N LEU B 65 -6.83 5.01 4.92
CA LEU B 65 -7.32 5.74 3.76
C LEU B 65 -7.99 4.78 2.79
N PHE B 66 -9.21 5.09 2.38
CA PHE B 66 -10.02 4.17 1.59
C PHE B 66 -9.67 4.31 0.10
N LYS B 67 -8.46 3.87 -0.24
CA LYS B 67 -8.03 3.81 -1.62
C LYS B 67 -9.00 3.01 -2.48
N ASN B 68 -9.61 1.96 -1.92
CA ASN B 68 -10.54 1.13 -2.69
C ASN B 68 -11.80 1.90 -3.12
N LEU B 69 -12.16 2.98 -2.42
CA LEU B 69 -13.38 3.73 -2.72
C LEU B 69 -13.11 5.14 -3.22
N ALA B 70 -11.96 5.72 -2.88
CA ALA B 70 -11.66 7.12 -3.19
C ALA B 70 -10.17 7.21 -3.43
N PRO B 71 -9.68 6.60 -4.51
CA PRO B 71 -8.23 6.50 -4.68
C PRO B 71 -7.52 7.84 -4.83
N LYS B 72 -8.10 8.79 -5.55
CA LYS B 72 -7.43 10.08 -5.74
C LYS B 72 -7.34 10.83 -4.43
N SER B 73 -8.41 10.78 -3.63
CA SER B 73 -8.42 11.49 -2.35
C SER B 73 -7.46 10.82 -1.38
N ALA B 74 -7.43 9.49 -1.38
CA ALA B 74 -6.52 8.76 -0.50
C ALA B 74 -5.06 9.07 -0.86
N GLU B 75 -4.72 9.03 -2.15
CA GLU B 75 -3.32 9.22 -2.54
C GLU B 75 -2.85 10.64 -2.25
N ASN B 76 -3.72 11.63 -2.47
CA ASN B 76 -3.40 13.01 -2.15
C ASN B 76 -3.05 13.16 -0.67
N PHE B 77 -3.92 12.65 0.21
CA PHE B 77 -3.70 12.71 1.64
C PHE B 77 -2.44 11.94 2.01
N ARG B 78 -2.25 10.77 1.41
CA ARG B 78 -1.11 9.94 1.76
C ARG B 78 0.21 10.66 1.45
N GLN B 79 0.32 11.24 0.26
CA GLN B 79 1.55 11.95 -0.09
C GLN B 79 1.82 13.12 0.84
N PHE B 80 0.77 13.84 1.26
CA PHE B 80 0.98 14.92 2.21
C PHE B 80 1.41 14.41 3.59
N CYS B 81 1.09 13.15 3.93
CA CYS B 81 1.58 12.59 5.19
C CYS B 81 3.06 12.21 5.12
N THR B 82 3.55 11.76 3.97
CA THR B 82 4.91 11.22 3.92
C THR B 82 5.94 12.27 3.50
N GLY B 83 5.51 13.42 2.99
CA GLY B 83 6.44 14.39 2.45
C GLY B 83 6.92 14.09 1.05
N GLU B 84 6.21 13.22 0.32
CA GLU B 84 6.67 12.79 -1.00
C GLU B 84 6.46 13.86 -2.06
N PHE B 85 5.51 14.76 -1.85
CA PHE B 85 5.15 15.72 -2.87
C PHE B 85 5.99 16.98 -2.73
N ARG B 86 6.44 17.51 -3.88
CA ARG B 86 7.28 18.70 -3.94
C ARG B 86 6.62 19.73 -4.83
N GLN B 87 6.55 20.97 -4.35
CA GLN B 87 6.02 22.08 -5.12
C GLN B 87 7.14 23.01 -5.56
N VAL B 90 10.36 21.81 -3.44
CA VAL B 90 10.39 21.76 -1.98
C VAL B 90 9.28 20.84 -1.45
N PRO B 91 9.62 19.97 -0.51
CA PRO B 91 8.61 19.05 0.04
C PRO B 91 7.57 19.80 0.84
N ILE B 92 6.31 19.39 0.68
CA ILE B 92 5.18 20.08 1.28
C ILE B 92 4.17 19.04 1.74
N GLY B 93 3.52 19.31 2.86
CA GLY B 93 2.53 18.37 3.36
C GLY B 93 2.12 18.71 4.79
N TYR B 94 1.66 17.69 5.50
CA TYR B 94 1.00 17.91 6.78
C TYR B 94 1.96 18.04 7.95
N LYS B 95 3.25 17.75 7.79
CA LYS B 95 4.18 17.96 8.88
C LYS B 95 4.19 19.43 9.27
N GLY B 96 3.81 19.73 10.52
CA GLY B 96 3.73 21.10 10.98
C GLY B 96 2.40 21.77 10.71
N ALA B 97 1.46 21.07 10.07
CA ALA B 97 0.14 21.63 9.83
C ALA B 97 -0.69 21.58 11.12
N THR B 98 -1.80 22.30 11.09
CA THR B 98 -2.61 22.49 12.29
C THR B 98 -4.06 22.14 12.02
N PHE B 99 -4.82 22.05 13.11
CA PHE B 99 -6.28 22.04 13.07
C PHE B 99 -6.72 23.44 13.41
N HIS B 100 -7.21 24.17 12.40
CA HIS B 100 -7.51 25.60 12.57
C HIS B 100 -8.97 25.89 12.85
N ARG B 101 -9.86 24.91 12.78
CA ARG B 101 -11.28 25.16 13.01
C ARG B 101 -11.86 23.95 13.72
N ILE B 102 -12.35 24.15 14.93
CA ILE B 102 -12.71 23.08 15.83
C ILE B 102 -14.09 23.40 16.37
N ILE B 103 -15.06 22.52 16.13
CA ILE B 103 -16.43 22.74 16.57
C ILE B 103 -16.89 21.53 17.36
N LYS B 104 -16.94 21.68 18.68
CA LYS B 104 -17.30 20.60 19.57
C LYS B 104 -18.64 20.01 19.17
N ASN B 105 -18.73 18.68 19.20
CA ASN B 105 -19.92 17.92 18.83
C ASN B 105 -20.20 17.95 17.34
N PHE B 106 -19.25 18.39 16.53
CA PHE B 106 -19.40 18.44 15.08
C PHE B 106 -18.18 17.84 14.38
N MET B 107 -17.08 18.57 14.29
CA MET B 107 -15.91 18.00 13.63
C MET B 107 -14.69 18.84 14.00
N ILE B 108 -13.52 18.33 13.62
CA ILE B 108 -12.26 19.06 13.69
C ILE B 108 -11.70 19.18 12.29
N GLN B 109 -11.30 20.38 11.90
CA GLN B 109 -10.88 20.68 10.53
C GLN B 109 -9.44 21.16 10.53
N GLY B 110 -8.66 20.65 9.58
CA GLY B 110 -7.27 21.05 9.52
C GLY B 110 -6.66 20.79 8.16
N GLY B 111 -5.33 20.81 8.12
CA GLY B 111 -4.62 20.46 6.91
C GLY B 111 -4.28 21.60 5.99
N ASP B 112 -4.51 22.85 6.39
CA ASP B 112 -4.09 23.98 5.58
C ASP B 112 -2.62 24.26 5.87
N PHE B 113 -1.76 23.48 5.21
CA PHE B 113 -0.32 23.70 5.33
C PHE B 113 0.16 24.92 4.53
N VAL B 114 -0.71 25.52 3.71
CA VAL B 114 -0.32 26.73 2.99
C VAL B 114 -0.35 27.95 3.91
N LYS B 115 -1.46 28.17 4.62
CA LYS B 115 -1.68 29.40 5.35
C LYS B 115 -2.16 29.21 6.79
N GLY B 116 -2.58 28.01 7.17
CA GLY B 116 -3.02 27.74 8.53
C GLY B 116 -4.33 28.38 8.95
N ASP B 117 -5.11 28.91 8.01
CA ASP B 117 -6.30 29.66 8.38
C ASP B 117 -7.60 29.21 7.71
N GLY B 118 -7.54 28.22 6.84
CA GLY B 118 -8.70 27.84 6.07
C GLY B 118 -8.68 28.36 4.66
N THR B 119 -7.75 29.29 4.33
CA THR B 119 -7.71 29.81 2.96
C THR B 119 -6.95 28.90 2.00
N GLY B 120 -6.03 28.06 2.50
CA GLY B 120 -5.10 27.37 1.61
C GLY B 120 -5.76 26.22 0.85
N ARG B 121 -5.37 26.08 -0.42
CA ARG B 121 -5.86 24.98 -1.24
C ARG B 121 -4.77 24.57 -2.22
N LEU B 122 -4.29 23.33 -2.09
CA LEU B 122 -3.31 22.76 -2.99
C LEU B 122 -3.49 21.25 -2.91
N SER B 123 -3.35 20.57 -4.04
CA SER B 123 -3.39 19.11 -4.10
C SER B 123 -2.20 18.62 -4.91
N ILE B 124 -1.98 17.30 -4.88
CA ILE B 124 -0.94 16.70 -5.69
C ILE B 124 -1.28 16.73 -7.17
N TYR B 125 -2.49 17.14 -7.52
CA TYR B 125 -2.97 17.16 -8.89
C TYR B 125 -3.02 18.55 -9.49
N GLY B 126 -2.77 19.59 -8.69
CA GLY B 126 -2.93 20.96 -9.09
C GLY B 126 -3.62 21.74 -7.99
N SER B 127 -4.16 22.91 -8.35
CA SER B 127 -4.77 23.79 -7.36
C SER B 127 -5.94 23.11 -6.65
N SER B 128 -6.71 22.30 -7.37
CA SER B 128 -7.82 21.56 -6.79
C SER B 128 -7.99 20.26 -7.54
N PHE B 129 -8.85 19.40 -7.01
CA PHE B 129 -9.22 18.18 -7.73
C PHE B 129 -10.70 17.88 -7.56
N PRO B 130 -11.31 17.19 -8.53
CA PRO B 130 -12.75 16.97 -8.48
C PRO B 130 -13.17 16.01 -7.37
N ASP B 131 -14.45 16.09 -7.03
CA ASP B 131 -15.06 15.10 -6.15
C ASP B 131 -15.07 13.74 -6.81
N GLU B 132 -14.59 12.74 -6.09
CA GLU B 132 -14.78 11.35 -6.45
C GLU B 132 -16.22 10.96 -6.11
N ALA B 133 -16.57 9.70 -6.36
CA ALA B 133 -17.93 9.25 -6.06
C ALA B 133 -18.22 9.43 -4.57
N PHE B 134 -19.45 9.85 -4.28
CA PHE B 134 -19.88 9.97 -2.88
C PHE B 134 -20.46 8.62 -2.42
N VAL B 135 -19.55 7.71 -2.07
CA VAL B 135 -19.96 6.36 -1.70
C VAL B 135 -20.41 6.31 -0.24
N LEU B 136 -19.59 6.87 0.66
CA LEU B 136 -19.88 6.72 2.08
C LEU B 136 -20.56 7.97 2.65
N PRO B 137 -21.51 7.73 3.55
CA PRO B 137 -22.13 8.82 4.31
C PRO B 137 -21.31 9.20 5.54
N HIS B 138 -21.61 10.39 6.06
CA HIS B 138 -21.00 10.92 7.28
C HIS B 138 -21.72 10.38 8.51
N PHE B 139 -21.71 9.05 8.63
CA PHE B 139 -22.69 8.38 9.49
C PHE B 139 -22.29 8.27 10.96
N ARG B 140 -21.08 8.68 11.32
CA ARG B 140 -20.59 8.50 12.69
C ARG B 140 -19.34 9.35 12.88
N SER B 141 -18.95 9.47 14.15
CA SER B 141 -17.67 10.07 14.53
CA SER B 141 -17.68 10.10 14.47
C SER B 141 -16.52 9.21 14.02
N GLY B 142 -15.37 9.85 13.80
CA GLY B 142 -14.17 9.12 13.46
C GLY B 142 -13.91 8.93 11.98
N LEU B 143 -14.63 9.62 11.11
CA LEU B 143 -14.47 9.49 9.66
C LEU B 143 -13.67 10.67 9.15
N LEU B 144 -12.85 10.42 8.14
CA LEU B 144 -12.07 11.44 7.46
C LEU B 144 -12.80 11.86 6.20
N SER B 145 -12.95 13.17 5.99
CA SER B 145 -13.69 13.68 4.85
C SER B 145 -13.03 14.96 4.34
N LEU B 146 -13.32 15.31 3.09
CA LEU B 146 -12.68 16.45 2.43
C LEU B 146 -13.42 17.75 2.73
N ALA B 147 -12.70 18.74 3.22
CA ALA B 147 -13.21 20.10 3.28
C ALA B 147 -13.10 20.72 1.89
N ASN B 148 -14.04 21.59 1.53
CA ASN B 148 -14.01 22.19 0.20
C ASN B 148 -14.82 23.48 0.25
N SER B 149 -15.00 24.12 -0.90
CA SER B 149 -15.82 25.31 -0.98
C SER B 149 -16.83 25.21 -2.09
N GLY B 150 -17.44 24.04 -2.25
CA GLY B 150 -18.39 23.79 -3.31
C GLY B 150 -17.92 22.65 -4.18
N PRO B 151 -18.70 22.34 -5.22
CA PRO B 151 -18.39 21.17 -6.06
C PRO B 151 -16.99 21.27 -6.65
N ASP B 152 -16.26 20.14 -6.57
CA ASP B 152 -14.99 19.98 -7.28
C ASP B 152 -13.94 21.03 -6.88
N THR B 153 -13.79 21.24 -5.57
CA THR B 153 -12.82 22.19 -5.05
C THR B 153 -11.95 21.58 -3.94
N ASN B 154 -11.69 20.29 -4.01
CA ASN B 154 -10.85 19.65 -3.00
C ASN B 154 -9.40 20.07 -3.15
N GLY B 155 -8.69 20.10 -2.03
CA GLY B 155 -7.30 20.51 -2.02
C GLY B 155 -6.50 19.73 -1.01
N CYS B 156 -6.16 20.37 0.10
CA CYS B 156 -5.39 19.76 1.16
C CYS B 156 -6.13 19.68 2.47
N GLN B 157 -7.16 20.50 2.68
CA GLN B 157 -7.85 20.50 3.95
C GLN B 157 -8.77 19.28 4.08
N PHE B 158 -9.03 18.91 5.33
CA PHE B 158 -9.84 17.75 5.64
C PHE B 158 -10.52 18.00 6.97
N PHE B 159 -11.46 17.14 7.32
CA PHE B 159 -12.01 17.14 8.66
C PHE B 159 -12.18 15.71 9.15
N ILE B 160 -12.17 15.56 10.47
CA ILE B 160 -12.50 14.31 11.13
C ILE B 160 -13.81 14.51 11.87
N THR B 161 -14.80 13.68 11.58
CA THR B 161 -16.10 13.86 12.20
C THR B 161 -16.04 13.57 13.70
N CYS B 162 -16.78 14.37 14.46
CA CYS B 162 -16.90 14.17 15.90
C CYS B 162 -18.33 13.83 16.28
N ALA B 163 -19.21 13.67 15.28
CA ALA B 163 -20.58 13.24 15.45
C ALA B 163 -21.06 12.83 14.06
N LYS B 164 -22.19 12.14 14.03
CA LYS B 164 -22.92 11.96 12.79
CA LYS B 164 -22.93 11.96 12.78
C LYS B 164 -23.22 13.34 12.19
N CYS B 165 -23.07 13.46 10.87
CA CYS B 165 -23.30 14.76 10.21
C CYS B 165 -23.71 14.54 8.76
N ASP B 166 -24.83 13.84 8.57
CA ASP B 166 -25.25 13.42 7.24
C ASP B 166 -25.70 14.56 6.36
N TRP B 167 -25.91 15.77 6.92
CA TRP B 167 -26.21 16.91 6.06
C TRP B 167 -25.04 17.27 5.15
N LEU B 168 -23.86 16.71 5.39
CA LEU B 168 -22.69 16.87 4.55
C LEU B 168 -22.65 15.87 3.39
N ASN B 169 -23.54 14.88 3.38
CA ASN B 169 -23.47 13.83 2.36
C ASN B 169 -23.65 14.40 0.97
N ARG B 170 -22.92 13.81 0.02
CA ARG B 170 -22.94 14.19 -1.39
C ARG B 170 -22.33 15.57 -1.63
N LYS B 171 -21.71 16.15 -0.60
CA LYS B 171 -21.03 17.42 -0.74
C LYS B 171 -19.57 17.30 -0.36
N HIS B 172 -19.20 16.27 0.40
CA HIS B 172 -17.83 16.02 0.82
C HIS B 172 -17.60 14.52 0.72
N VAL B 173 -16.45 14.15 0.16
CA VAL B 173 -16.10 12.74 0.03
C VAL B 173 -15.50 12.22 1.33
N VAL B 174 -16.14 11.21 1.91
CA VAL B 174 -15.60 10.49 3.05
C VAL B 174 -14.59 9.47 2.51
N PHE B 175 -13.34 9.59 2.94
CA PHE B 175 -12.27 8.79 2.33
C PHE B 175 -11.37 8.09 3.32
N GLY B 176 -11.71 8.05 4.61
CA GLY B 176 -10.89 7.31 5.55
C GLY B 176 -11.57 7.20 6.90
N GLN B 177 -10.89 6.50 7.81
CA GLN B 177 -11.40 6.33 9.17
C GLN B 177 -10.23 6.22 10.13
N VAL B 178 -10.38 6.83 11.31
CA VAL B 178 -9.35 6.62 12.33
C VAL B 178 -9.44 5.21 12.89
N LEU B 179 -8.29 4.68 13.32
CA LEU B 179 -8.17 3.30 13.78
C LEU B 179 -7.73 3.27 15.23
N GLY B 180 -8.48 2.54 16.05
CA GLY B 180 -8.08 2.26 17.40
C GLY B 180 -8.59 3.30 18.39
N LYS B 181 -8.65 2.87 19.65
CA LYS B 181 -9.22 3.71 20.70
C LYS B 181 -8.39 4.94 20.97
N GLU B 182 -7.05 4.82 20.95
CA GLU B 182 -6.21 5.99 21.18
C GLU B 182 -6.49 7.07 20.15
N SER B 183 -6.62 6.69 18.87
CA SER B 183 -6.90 7.66 17.84
C SER B 183 -8.13 8.49 18.19
N MET B 184 -9.21 7.82 18.61
CA MET B 184 -10.41 8.58 18.95
C MET B 184 -10.21 9.42 20.20
N GLN B 185 -9.45 8.93 21.18
CA GLN B 185 -9.14 9.75 22.34
C GLN B 185 -8.44 11.03 21.94
N VAL B 186 -7.50 10.95 20.99
CA VAL B 186 -6.80 12.15 20.55
C VAL B 186 -7.76 13.09 19.83
N VAL B 187 -8.62 12.54 18.95
CA VAL B 187 -9.65 13.33 18.29
C VAL B 187 -10.49 14.09 19.32
N ARG B 188 -10.93 13.40 20.36
CA ARG B 188 -11.77 14.03 21.38
C ARG B 188 -10.99 15.11 22.13
N LYS B 189 -9.69 14.90 22.38
CA LYS B 189 -8.88 15.94 23.01
C LYS B 189 -8.87 17.20 22.16
N ILE B 190 -8.59 17.05 20.86
CA ILE B 190 -8.58 18.21 19.96
C ILE B 190 -9.94 18.89 19.96
N GLU B 191 -11.00 18.08 19.90
CA GLU B 191 -12.37 18.58 19.78
C GLU B 191 -12.73 19.49 20.94
N HIS B 192 -12.12 19.29 22.10
CA HIS B 192 -12.54 19.97 23.31
C HIS B 192 -11.63 21.11 23.73
N VAL B 193 -10.68 21.51 22.89
CA VAL B 193 -9.83 22.63 23.27
C VAL B 193 -10.62 23.94 23.19
N THR B 194 -10.17 24.93 23.96
CA THR B 194 -10.83 26.23 23.93
C THR B 194 -10.59 26.91 22.58
N VAL B 195 -11.64 27.53 22.06
CA VAL B 195 -11.58 28.20 20.76
C VAL B 195 -12.03 29.65 20.92
N ASP B 196 -11.62 30.46 19.95
CA ASP B 196 -12.08 31.84 19.87
C ASP B 196 -13.43 31.92 19.14
N GLY B 197 -13.89 33.15 18.88
CA GLY B 197 -15.18 33.35 18.24
C GLY B 197 -15.27 32.82 16.82
N GLY B 198 -14.13 32.61 16.16
CA GLY B 198 -14.08 31.99 14.85
C GLY B 198 -13.83 30.49 14.88
N ASN B 199 -13.95 29.87 16.05
CA ASN B 199 -13.71 28.44 16.24
C ASN B 199 -12.26 28.05 16.00
N ARG B 200 -11.35 28.99 16.10
CA ARG B 200 -9.93 28.70 15.98
C ARG B 200 -9.36 28.45 17.36
N PRO B 201 -8.60 27.38 17.58
CA PRO B 201 -8.13 27.07 18.94
C PRO B 201 -7.29 28.22 19.46
N ARG B 202 -7.41 28.47 20.77
CA ARG B 202 -6.59 29.52 21.37
C ARG B 202 -5.13 29.11 21.47
N ILE B 203 -4.84 27.81 21.48
CA ILE B 203 -3.47 27.32 21.53
C ILE B 203 -3.36 26.36 20.35
N PRO B 204 -2.33 26.46 19.50
CA PRO B 204 -2.33 25.65 18.28
C PRO B 204 -2.31 24.15 18.53
N VAL B 205 -2.98 23.45 17.64
CA VAL B 205 -3.05 21.99 17.62
C VAL B 205 -2.29 21.57 16.36
N THR B 206 -1.12 20.94 16.55
CA THR B 206 -0.15 20.75 15.48
C THR B 206 0.11 19.27 15.24
N VAL B 207 0.19 18.90 13.96
CA VAL B 207 0.75 17.62 13.51
C VAL B 207 2.26 17.77 13.56
N THR B 208 2.88 17.22 14.60
CA THR B 208 4.34 17.39 14.74
C THR B 208 5.11 16.43 13.84
N GLN B 209 4.52 15.29 13.53
CA GLN B 209 5.13 14.28 12.69
C GLN B 209 4.01 13.51 12.04
N CYS B 210 4.27 13.01 10.84
CA CYS B 210 3.28 12.20 10.15
C CYS B 210 3.99 11.29 9.16
N GLY B 211 3.26 10.27 8.71
CA GLY B 211 3.85 9.33 7.79
C GLY B 211 2.91 8.17 7.54
N GLU B 212 3.48 7.09 6.99
CA GLU B 212 2.73 5.92 6.59
C GLU B 212 3.23 4.72 7.37
N LEU B 213 2.31 3.90 7.84
CA LEU B 213 2.63 2.74 8.66
C LEU B 213 2.71 1.46 7.83
N DAL C 1 22.61 -22.52 -20.51
CA DAL C 1 23.08 -21.14 -20.08
CB DAL C 1 24.61 -21.27 -19.57
C DAL C 1 22.18 -20.95 -18.76
O DAL C 1 21.62 -21.84 -18.11
N MLE C 2 22.09 -19.50 -18.32
CN MLE C 2 22.76 -18.34 -19.07
CA MLE C 2 21.26 -19.33 -17.03
CB MLE C 2 22.24 -18.74 -15.93
CG MLE C 2 23.35 -19.88 -15.64
CD1 MLE C 2 24.56 -19.20 -14.80
CD2 MLE C 2 22.70 -21.13 -14.82
C MLE C 2 20.20 -18.18 -17.43
O MLE C 2 20.28 -17.01 -17.08
N MLE C 3 19.09 -18.67 -18.36
CN MLE C 3 18.95 -20.12 -18.83
CA MLE C 3 18.11 -17.55 -18.71
CB MLE C 3 17.70 -17.70 -20.29
CG MLE C 3 18.97 -17.27 -21.21
CD1 MLE C 3 19.46 -15.78 -20.79
CD2 MLE C 3 18.47 -17.32 -22.76
C MLE C 3 16.84 -17.98 -17.80
O MLE C 3 16.68 -19.03 -17.18
N MVA C 4 15.78 -16.93 -17.77
CN MVA C 4 15.90 -15.57 -18.46
CA MVA C 4 14.54 -17.38 -16.97
CB MVA C 4 14.34 -16.44 -15.72
CG1 MVA C 4 15.63 -16.53 -14.78
CG2 MVA C 4 13.08 -17.14 -15.01
C MVA C 4 13.45 -16.98 -18.06
O MVA C 4 12.84 -15.89 -18.14
N BMT C 5 13.20 -18.09 -19.05
CN BMT C 5 13.91 -19.44 -18.92
CA BMT C 5 12.19 -17.73 -20.11
C BMT C 5 10.90 -18.57 -19.76
O BMT C 5 10.79 -19.39 -18.86
CB BMT C 5 12.71 -18.00 -21.61
OG1 BMT C 5 12.77 -19.47 -21.73
CG2 BMT C 5 14.19 -17.37 -21.72
CD1 BMT C 5 14.10 -15.78 -21.51
CD2 BMT C 5 14.80 -17.67 -23.17
CE BMT C 5 13.72 -17.28 -24.30
CZ BMT C 5 13.17 -17.74 -25.48
CH BMT C 5 12.13 -17.48 -26.69
N ABA C 6 9.85 -18.12 -20.70
CA ABA C 6 8.48 -18.70 -20.44
C ABA C 6 8.02 -19.32 -21.81
O ABA C 6 7.36 -18.71 -22.63
CB ABA C 6 7.48 -17.51 -20.06
CG ABA C 6 8.08 -16.85 -18.72
CM 33X C 7 9.36 -21.47 -21.00
CA 33X C 7 7.99 -21.28 -23.33
CB 33X C 7 6.74 -22.23 -23.00
C 33X C 7 9.18 -22.16 -23.87
N 33X C 7 8.51 -20.71 -22.01
O 33X C 7 9.21 -23.37 -23.83
C1 66E C 8 10.31 -19.82 -24.58
N 66E C 8 10.29 -21.36 -24.51
CA 66E C 8 11.43 -22.25 -25.06
CB 66E C 8 11.77 -21.78 -26.54
CG1 66E C 8 13.11 -22.63 -26.90
CG2 66E C 8 10.53 -22.20 -27.49
C 66E C 8 12.59 -21.96 -24.02
O 66E C 8 13.23 -20.92 -23.98
C2 66E C 8 9.36 -19.26 -25.77
N VAL C 9 12.70 -23.12 -23.06
CA VAL C 9 13.74 -22.95 -21.97
C VAL C 9 15.09 -23.27 -22.76
N MLE C 10 16.19 -22.29 -22.49
CN MLE C 10 16.04 -21.09 -21.55
CA MLE C 10 17.46 -22.62 -23.25
CB MLE C 10 17.97 -21.30 -24.00
CG MLE C 10 16.81 -20.93 -25.09
CD1 MLE C 10 16.70 -22.09 -26.21
CD2 MLE C 10 17.30 -19.53 -25.71
C MLE C 10 18.49 -23.02 -22.11
O MLE C 10 18.35 -22.90 -20.88
N ALA C 11 19.74 -23.53 -22.77
CA ALA C 11 20.85 -23.90 -21.81
C ALA C 11 21.39 -22.44 -21.38
N DAL D 1 -24.18 28.10 10.92
CA DAL D 1 -24.56 26.68 11.22
CB DAL D 1 -25.06 26.69 12.75
C DAL D 1 -23.27 25.79 11.25
O DAL D 1 -22.22 26.06 11.80
N MLE D 2 -23.53 24.49 10.55
CN MLE D 2 -24.83 24.12 9.86
CA MLE D 2 -22.37 23.51 10.71
CB MLE D 2 -22.98 22.26 11.50
CG MLE D 2 -23.50 22.73 12.97
CD1 MLE D 2 -24.06 21.41 13.70
CD2 MLE D 2 -22.25 23.31 13.81
C MLE D 2 -21.93 22.94 9.32
O MLE D 2 -22.16 21.84 8.92
N MLE D 3 -21.20 23.93 8.50
CN MLE D 3 -20.90 25.36 8.91
CA MLE D 3 -20.75 23.31 7.21
CB MLE D 3 -20.92 24.44 6.08
CG MLE D 3 -22.51 24.60 5.79
CD1 MLE D 3 -23.17 23.13 5.60
CD2 MLE D 3 -22.62 25.42 4.41
C MLE D 3 -19.17 23.17 7.50
O MLE D 3 -18.56 23.54 8.48
N MVA D 4 -18.46 22.51 6.38
CN MVA D 4 -19.12 21.96 5.14
CA MVA D 4 -16.96 22.44 6.57
CB MVA D 4 -16.43 20.95 6.64
CG1 MVA D 4 -17.24 20.25 7.82
CG2 MVA D 4 -14.88 21.16 7.02
C MVA D 4 -16.46 23.05 5.19
O MVA D 4 -16.08 22.42 4.21
N BMT D 5 -16.51 24.55 5.16
CN BMT D 5 -16.92 25.37 6.37
CA BMT D 5 -15.99 25.12 3.86
C BMT D 5 -14.53 25.59 4.25
O BMT D 5 -14.00 25.46 5.35
CB BMT D 5 -16.87 26.30 3.21
OG1 BMT D 5 -16.77 27.42 4.13
CG2 BMT D 5 -18.39 25.75 3.19
CD1 BMT D 5 -18.48 24.41 2.30
CD2 BMT D 5 -19.37 26.86 2.61
CE BMT D 5 -18.83 27.45 1.22
CZ BMT D 5 -18.60 28.66 0.62
CH BMT D 5 -18.09 29.38 -0.74
N ABA D 6 -13.90 26.15 3.04
CA ABA D 6 -12.44 26.52 3.22
C ABA D 6 -12.30 28.03 2.81
O ABA D 6 -11.86 28.42 1.74
CB ABA D 6 -11.55 25.64 2.22
CG ABA D 6 -11.73 24.12 2.74
CM 33X D 7 -13.30 28.62 5.23
CA 33X D 7 -12.50 30.44 3.45
CB 33X D 7 -11.21 30.95 4.27
C 33X D 7 -13.76 31.28 3.93
N 33X D 7 -12.74 29.00 3.86
O 33X D 7 -13.71 32.08 4.83
C1 66E D 8 -15.16 29.98 2.04
N 66E D 8 -15.02 31.04 3.14
CA 66E D 8 -16.21 31.89 3.63
CB 66E D 8 -16.97 32.59 2.39
CG1 66E D 8 -18.30 33.27 3.03
CG2 66E D 8 -15.95 33.69 1.81
C 66E D 8 -17.08 30.77 4.33
O 66E D 8 -17.83 29.99 3.77
C2 66E D 8 -14.63 30.58 0.65
N VAL D 9 -16.79 30.74 5.79
CA VAL D 9 -17.57 29.72 6.58
C VAL D 9 -19.02 30.39 6.57
N MLE D 10 -20.13 29.45 6.27
CN MLE D 10 -19.91 27.95 6.04
CA MLE D 10 -21.51 30.08 6.27
CB MLE D 10 -22.45 29.43 5.12
CG MLE D 10 -21.75 29.75 3.68
CD1 MLE D 10 -21.60 31.34 3.46
CD2 MLE D 10 -22.60 29.00 2.53
C MLE D 10 -21.97 29.70 7.74
O MLE D 10 -21.34 29.04 8.59
N ALA D 11 -23.34 30.28 7.98
CA ALA D 11 -23.82 30.00 9.37
C ALA D 11 -24.09 28.43 9.48
#